data_2J96
#
_entry.id   2J96
#
_cell.length_a   129.808
_cell.length_b   102.598
_cell.length_c   32.146
_cell.angle_alpha   90.00
_cell.angle_beta   94.48
_cell.angle_gamma   90.00
#
_symmetry.space_group_name_H-M   'C 1 2 1'
#
loop_
_entity.id
_entity.type
_entity.pdbx_description
1 polymer 'PHYCOERYTHROCYANIN ALPHA CHAIN'
2 non-polymer PHYCOVIOLOBILIN
3 water water
#
_entity_poly.entity_id   1
_entity_poly.type   'polypeptide(L)'
_entity_poly.pdbx_seq_one_letter_code
;MKTPLTEAIAAADLRGSYLSNTELQAVFGRFNRARAGLEAARAFANNGKKWAEAAANHVYQKFPYTTQMQGPQYASTPEG
KAKCVRDIDHYLRTISYCCVVGGTGPLDDYVVAGLKEFNSALGLSPSWYIAALEFVRDNHGLTGDVAGEANTYINYAINA
LS
;
_entity_poly.pdbx_strand_id   A,B
#
# COMPACT_ATOMS: atom_id res chain seq x y z
N MET A 1 0.88 -4.63 6.27
CA MET A 1 1.78 -3.46 6.48
C MET A 1 1.09 -2.16 6.07
N LYS A 2 1.16 -1.17 6.98
CA LYS A 2 0.56 0.15 6.77
C LYS A 2 1.38 1.07 5.87
N THR A 3 0.69 1.71 4.93
CA THR A 3 1.29 2.68 4.00
C THR A 3 0.26 3.81 4.14
N PRO A 4 0.63 5.09 3.88
CA PRO A 4 -0.37 6.18 4.00
C PRO A 4 -1.53 6.15 2.98
N LEU A 5 -1.34 5.34 1.94
CA LEU A 5 -2.28 5.13 0.85
C LEU A 5 -3.32 4.03 1.19
N THR A 6 -2.87 3.02 1.95
CA THR A 6 -3.74 1.92 2.40
C THR A 6 -4.55 2.33 3.63
N GLU A 7 -4.11 3.37 4.33
CA GLU A 7 -4.81 3.88 5.51
C GLU A 7 -5.84 4.91 5.07
N ALA A 8 -5.59 5.52 3.91
CA ALA A 8 -6.44 6.53 3.30
C ALA A 8 -7.71 5.89 2.77
N ILE A 9 -7.51 4.77 2.06
CA ILE A 9 -8.61 3.99 1.48
C ILE A 9 -9.37 3.28 2.59
N ALA A 10 -8.63 2.67 3.53
CA ALA A 10 -9.23 1.96 4.64
C ALA A 10 -10.16 2.88 5.44
N ALA A 11 -9.72 4.13 5.64
CA ALA A 11 -10.46 5.15 6.39
C ALA A 11 -11.77 5.61 5.74
N ALA A 12 -11.75 5.80 4.41
CA ALA A 12 -12.91 6.23 3.64
C ALA A 12 -13.90 5.11 3.43
N ASP A 13 -13.39 3.88 3.39
CA ASP A 13 -14.21 2.66 3.21
C ASP A 13 -15.04 2.35 4.47
N LEU A 14 -14.64 2.91 5.60
CA LEU A 14 -15.36 2.71 6.85
C LEU A 14 -16.48 3.73 7.00
N ARG A 15 -16.36 4.83 6.25
CA ARG A 15 -17.37 5.87 6.26
C ARG A 15 -18.33 5.63 5.11
N GLY A 16 -17.88 4.86 4.12
CA GLY A 16 -18.68 4.56 2.94
C GLY A 16 -18.75 5.81 2.08
N SER A 17 -17.58 6.43 1.91
CA SER A 17 -17.44 7.66 1.11
C SER A 17 -16.30 7.52 0.14
N TYR A 18 -16.40 8.31 -0.93
CA TYR A 18 -15.36 8.39 -1.95
C TYR A 18 -14.30 9.29 -1.31
N LEU A 19 -13.06 9.19 -1.80
CA LEU A 19 -11.98 10.03 -1.29
C LEU A 19 -12.27 11.46 -1.75
N SER A 20 -12.30 12.38 -0.77
CA SER A 20 -12.59 13.78 -1.04
C SER A 20 -11.42 14.49 -1.73
N ASN A 21 -11.75 15.65 -2.29
CA ASN A 21 -10.85 16.54 -3.02
C ASN A 21 -9.50 16.78 -2.29
N THR A 22 -9.57 16.97 -0.97
CA THR A 22 -8.38 17.20 -0.15
C THR A 22 -7.63 15.92 0.28
N GLU A 23 -8.33 14.79 0.33
CA GLU A 23 -7.69 13.51 0.67
C GLU A 23 -6.87 13.08 -0.53
N LEU A 24 -7.33 13.47 -1.73
CA LEU A 24 -6.67 13.17 -2.99
C LEU A 24 -5.49 14.14 -3.24
N GLN A 25 -5.52 15.29 -2.56
CA GLN A 25 -4.46 16.30 -2.67
C GLN A 25 -3.21 15.87 -1.90
N ALA A 26 -3.41 15.03 -0.88
CA ALA A 26 -2.33 14.53 -0.04
C ALA A 26 -1.67 13.30 -0.68
N VAL A 27 -2.21 12.88 -1.83
CA VAL A 27 -1.71 11.73 -2.62
C VAL A 27 -1.04 12.30 -3.90
N PHE A 28 -1.61 13.39 -4.41
CA PHE A 28 -1.14 14.09 -5.61
C PHE A 28 0.23 14.73 -5.41
N GLY A 29 0.36 15.53 -4.35
CA GLY A 29 1.60 16.22 -4.04
C GLY A 29 2.70 15.32 -3.48
N ARG A 30 2.47 14.01 -3.52
CA ARG A 30 3.43 13.02 -3.03
C ARG A 30 4.29 12.43 -4.15
N PHE A 31 4.03 12.84 -5.39
CA PHE A 31 4.78 12.37 -6.56
C PHE A 31 6.23 12.89 -6.62
N ASN A 32 6.47 14.03 -5.97
CA ASN A 32 7.79 14.68 -5.88
C ASN A 32 8.61 13.95 -4.80
N ARG A 33 7.90 13.59 -3.73
CA ARG A 33 8.43 12.90 -2.55
C ARG A 33 8.63 11.40 -2.82
N ALA A 34 7.78 10.84 -3.67
CA ALA A 34 7.85 9.43 -4.05
C ALA A 34 8.94 9.18 -5.09
N ARG A 35 9.32 10.24 -5.82
CA ARG A 35 10.37 10.19 -6.83
C ARG A 35 11.71 10.24 -6.10
N ALA A 36 11.72 10.96 -4.98
CA ALA A 36 12.89 11.09 -4.10
C ALA A 36 13.00 9.83 -3.26
N GLY A 37 11.86 9.15 -3.10
CA GLY A 37 11.79 7.91 -2.34
C GLY A 37 12.40 6.73 -3.08
N LEU A 38 12.29 6.77 -4.42
CA LEU A 38 12.83 5.73 -5.29
C LEU A 38 14.32 5.92 -5.59
N GLU A 39 14.84 7.13 -5.47
CA GLU A 39 16.25 7.40 -5.75
C GLU A 39 17.07 7.04 -4.52
N ALA A 40 16.46 7.24 -3.35
CA ALA A 40 17.06 6.94 -2.04
C ALA A 40 17.16 5.42 -1.88
N ALA A 41 16.15 4.71 -2.40
CA ALA A 41 16.07 3.26 -2.38
C ALA A 41 17.17 2.65 -3.26
N ARG A 42 17.44 3.32 -4.39
CA ARG A 42 18.46 2.92 -5.36
C ARG A 42 19.86 3.09 -4.73
N ALA A 43 20.02 4.18 -3.98
CA ALA A 43 21.27 4.53 -3.31
C ALA A 43 21.64 3.50 -2.25
N PHE A 44 20.62 3.04 -1.51
CA PHE A 44 20.78 2.04 -0.46
C PHE A 44 21.09 0.67 -1.08
N ALA A 45 20.45 0.39 -2.22
CA ALA A 45 20.63 -0.87 -2.96
C ALA A 45 22.02 -1.01 -3.58
N ASN A 46 22.63 0.15 -3.84
CA ASN A 46 23.95 0.25 -4.44
C ASN A 46 25.13 0.19 -3.49
N ASN A 47 25.05 0.97 -2.42
CA ASN A 47 26.12 1.09 -1.45
C ASN A 47 25.88 0.43 -0.09
N GLY A 48 24.63 0.01 0.17
CA GLY A 48 24.25 -0.61 1.44
C GLY A 48 25.23 -1.50 2.21
N LYS A 49 25.75 -2.55 1.56
CA LYS A 49 26.72 -3.50 2.14
C LYS A 49 28.02 -2.85 2.56
N LYS A 50 28.47 -1.89 1.74
CA LYS A 50 29.69 -1.13 1.99
C LYS A 50 29.50 -0.24 3.22
N TRP A 51 28.32 0.38 3.34
CA TRP A 51 27.98 1.23 4.47
C TRP A 51 27.81 0.39 5.74
N ALA A 52 27.26 -0.81 5.58
CA ALA A 52 27.06 -1.74 6.70
C ALA A 52 28.40 -2.29 7.19
N GLU A 53 29.39 -2.28 6.29
CA GLU A 53 30.75 -2.73 6.58
C GLU A 53 31.48 -1.63 7.35
N ALA A 54 31.31 -0.39 6.91
CA ALA A 54 31.93 0.78 7.52
C ALA A 54 31.24 1.13 8.86
N ALA A 55 29.97 0.76 8.99
CA ALA A 55 29.22 1.03 10.24
C ALA A 55 29.64 0.07 11.34
N ALA A 56 29.79 -1.20 10.97
CA ALA A 56 30.20 -2.28 11.87
C ALA A 56 31.56 -2.02 12.49
N ASN A 57 32.50 -1.50 11.70
CA ASN A 57 33.85 -1.17 12.15
C ASN A 57 33.90 -0.02 13.14
N HIS A 58 32.97 0.92 12.98
CA HIS A 58 32.89 2.08 13.86
C HIS A 58 32.35 1.66 15.23
N VAL A 59 31.56 0.59 15.25
CA VAL A 59 30.97 0.03 16.47
C VAL A 59 32.04 -0.70 17.29
N TYR A 60 32.89 -1.50 16.60
CA TYR A 60 33.97 -2.25 17.27
C TYR A 60 34.97 -1.29 17.93
N GLN A 61 35.00 -0.05 17.44
CA GLN A 61 35.89 1.00 17.91
C GLN A 61 35.33 1.83 19.07
N LYS A 62 34.02 2.07 19.07
CA LYS A 62 33.37 2.83 20.13
C LYS A 62 33.19 1.98 21.36
N PHE A 63 32.96 0.68 21.11
CA PHE A 63 32.76 -0.33 22.14
C PHE A 63 33.78 -1.47 21.90
N PRO A 64 35.07 -1.28 22.27
CA PRO A 64 36.12 -2.30 22.08
C PRO A 64 35.90 -3.65 22.72
N TYR A 65 35.01 -3.70 23.71
CA TYR A 65 34.69 -4.93 24.43
C TYR A 65 33.86 -5.90 23.63
N THR A 66 33.04 -5.38 22.71
CA THR A 66 32.19 -6.21 21.86
C THR A 66 33.02 -7.17 20.99
N THR A 67 34.31 -6.85 20.84
CA THR A 67 35.29 -7.61 20.09
C THR A 67 36.08 -8.55 21.04
N GLN A 68 36.31 -8.10 22.27
CA GLN A 68 37.04 -8.91 23.27
C GLN A 68 36.25 -9.09 24.59
N MET A 69 35.20 -9.91 24.55
CA MET A 69 34.33 -10.22 25.70
C MET A 69 33.53 -11.49 25.50
N GLN A 70 33.19 -12.14 26.62
CA GLN A 70 32.43 -13.39 26.73
C GLN A 70 32.17 -14.25 25.52
N GLY A 71 30.97 -14.13 24.94
CA GLY A 71 30.65 -14.91 23.75
C GLY A 71 29.24 -15.02 23.17
N PRO A 72 28.13 -15.04 23.96
CA PRO A 72 26.77 -15.16 23.37
C PRO A 72 26.21 -14.09 22.44
N GLN A 73 26.28 -12.82 22.86
CA GLN A 73 25.76 -11.72 22.08
C GLN A 73 26.83 -10.84 21.41
N TYR A 74 28.10 -11.21 21.63
CA TYR A 74 29.24 -10.46 21.12
C TYR A 74 29.91 -10.94 19.84
N ALA A 75 30.44 -9.97 19.11
CA ALA A 75 31.13 -10.20 17.86
C ALA A 75 32.62 -10.45 18.11
N SER A 76 32.90 -11.46 18.93
CA SER A 76 34.27 -11.83 19.31
C SER A 76 35.00 -12.81 18.36
N THR A 77 34.28 -13.28 17.35
CA THR A 77 34.78 -14.22 16.33
C THR A 77 34.42 -13.67 14.95
N PRO A 78 35.15 -14.08 13.87
CA PRO A 78 34.82 -13.56 12.53
C PRO A 78 33.42 -13.94 12.02
N GLU A 79 32.82 -14.95 12.68
CA GLU A 79 31.47 -15.41 12.37
C GLU A 79 30.48 -14.48 13.08
N GLY A 80 30.92 -13.92 14.20
CA GLY A 80 30.12 -12.99 14.98
C GLY A 80 30.13 -11.60 14.37
N LYS A 81 31.28 -11.23 13.82
CA LYS A 81 31.49 -9.93 13.17
C LYS A 81 30.70 -9.85 11.86
N ALA A 82 30.53 -11.00 11.21
CA ALA A 82 29.79 -11.10 9.95
C ALA A 82 28.30 -10.94 10.18
N LYS A 83 27.83 -11.35 11.36
CA LYS A 83 26.42 -11.25 11.77
C LYS A 83 26.05 -9.80 12.05
N CYS A 84 27.02 -9.06 12.60
CA CYS A 84 26.84 -7.64 12.93
C CYS A 84 26.63 -6.85 11.65
N VAL A 85 27.42 -7.17 10.63
CA VAL A 85 27.30 -6.55 9.31
C VAL A 85 25.92 -6.84 8.74
N ARG A 86 25.47 -8.09 8.92
CA ARG A 86 24.16 -8.58 8.45
C ARG A 86 22.98 -7.92 9.15
N ASP A 87 23.11 -7.65 10.45
CA ASP A 87 22.04 -6.99 11.22
C ASP A 87 21.93 -5.52 10.81
N ILE A 88 23.07 -4.89 10.52
CA ILE A 88 23.09 -3.50 10.07
C ILE A 88 22.51 -3.43 8.66
N ASP A 89 22.90 -4.35 7.77
CA ASP A 89 22.39 -4.37 6.40
C ASP A 89 20.87 -4.48 6.38
N HIS A 90 20.32 -5.27 7.32
CA HIS A 90 18.87 -5.47 7.49
C HIS A 90 18.17 -4.13 7.75
N TYR A 91 18.80 -3.26 8.57
CA TYR A 91 18.27 -1.93 8.91
C TYR A 91 18.19 -1.04 7.69
N LEU A 92 19.28 -1.03 6.93
CA LEU A 92 19.40 -0.24 5.71
C LEU A 92 18.39 -0.71 4.63
N ARG A 93 18.10 -2.01 4.64
CA ARG A 93 17.14 -2.67 3.74
C ARG A 93 15.72 -2.26 4.11
N THR A 94 15.41 -2.24 5.42
CA THR A 94 14.10 -1.85 5.94
C THR A 94 13.85 -0.34 5.77
N ILE A 95 14.93 0.45 5.82
CA ILE A 95 14.87 1.90 5.62
C ILE A 95 14.55 2.18 4.15
N SER A 96 15.20 1.44 3.24
CA SER A 96 14.97 1.56 1.80
C SER A 96 13.48 1.34 1.43
N TYR A 97 12.83 0.44 2.15
CA TYR A 97 11.41 0.12 1.93
C TYR A 97 10.45 1.25 2.32
N CYS A 98 10.74 1.88 3.46
CA CYS A 98 9.97 3.03 3.96
C CYS A 98 10.04 4.19 2.99
N CYS A 99 11.21 4.36 2.38
CA CYS A 99 11.46 5.41 1.42
C CYS A 99 10.58 5.27 0.18
N VAL A 100 10.46 4.03 -0.31
CA VAL A 100 9.66 3.67 -1.48
C VAL A 100 8.17 3.90 -1.22
N VAL A 101 7.71 3.47 -0.04
CA VAL A 101 6.31 3.61 0.36
C VAL A 101 5.87 5.03 0.75
N GLY A 102 6.75 5.76 1.43
CA GLY A 102 6.45 7.12 1.88
C GLY A 102 5.83 7.11 3.27
N GLY A 103 6.16 6.08 4.03
CA GLY A 103 5.64 5.95 5.38
C GLY A 103 6.51 5.03 6.19
N THR A 104 6.32 5.07 7.49
CA THR A 104 7.09 4.27 8.44
C THR A 104 6.72 2.79 8.53
N GLY A 105 5.61 2.39 7.89
CA GLY A 105 5.12 1.00 7.90
C GLY A 105 6.15 -0.11 8.05
N PRO A 106 7.10 -0.27 7.11
CA PRO A 106 8.15 -1.32 7.19
C PRO A 106 8.97 -1.34 8.49
N LEU A 107 9.21 -0.16 9.06
CA LEU A 107 9.95 0.00 10.32
C LEU A 107 9.13 -0.34 11.57
N ASP A 108 7.84 0.00 11.55
CA ASP A 108 6.91 -0.27 12.66
C ASP A 108 6.78 -1.77 12.86
N ASP A 109 6.64 -2.48 11.73
CA ASP A 109 6.54 -3.95 11.67
C ASP A 109 7.85 -4.65 12.14
N TYR A 110 9.01 -4.10 11.77
CA TYR A 110 10.32 -4.66 12.12
C TYR A 110 10.90 -4.25 13.49
N VAL A 111 10.97 -2.93 13.76
CA VAL A 111 11.54 -2.44 15.02
C VAL A 111 10.60 -2.45 16.23
N VAL A 112 9.48 -1.72 16.15
CA VAL A 112 8.50 -1.61 17.24
C VAL A 112 7.89 -3.00 17.55
N ALA A 113 7.32 -3.62 16.51
CA ALA A 113 6.74 -4.96 16.64
C ALA A 113 7.87 -5.93 16.38
N GLY A 114 8.04 -6.91 17.26
CA GLY A 114 9.11 -7.87 17.08
C GLY A 114 10.34 -7.57 17.92
N LEU A 115 11.29 -6.85 17.33
CA LEU A 115 12.56 -6.50 17.97
C LEU A 115 12.58 -6.02 19.42
N LYS A 116 11.79 -4.99 19.74
CA LYS A 116 11.74 -4.43 21.09
C LYS A 116 11.05 -5.30 22.14
N GLU A 117 10.29 -6.30 21.69
CA GLU A 117 9.60 -7.20 22.62
C GLU A 117 10.34 -8.55 22.81
N PHE A 118 11.14 -8.92 21.80
CA PHE A 118 11.88 -10.18 21.82
C PHE A 118 13.36 -10.08 22.25
N ASN A 119 13.91 -8.86 22.25
CA ASN A 119 15.30 -8.60 22.64
C ASN A 119 15.50 -8.70 24.16
N SER A 120 14.39 -8.75 24.90
CA SER A 120 14.40 -8.89 26.35
C SER A 120 14.93 -10.27 26.70
N ALA A 121 14.75 -11.19 25.74
CA ALA A 121 15.18 -12.58 25.82
C ALA A 121 16.56 -12.84 25.21
N LEU A 122 17.04 -11.89 24.40
CA LEU A 122 18.35 -12.01 23.71
C LEU A 122 19.44 -11.16 24.39
N GLY A 123 19.02 -10.08 25.04
CA GLY A 123 19.93 -9.19 25.75
C GLY A 123 20.89 -8.28 24.98
N LEU A 124 20.77 -8.17 23.65
CA LEU A 124 21.67 -7.28 22.88
C LEU A 124 21.38 -5.81 23.23
N SER A 125 22.37 -4.95 23.10
CA SER A 125 22.16 -3.54 23.44
C SER A 125 21.74 -2.64 22.27
N PRO A 126 20.60 -1.90 22.40
CA PRO A 126 20.13 -0.99 21.34
C PRO A 126 21.19 0.06 20.96
N SER A 127 22.06 0.38 21.92
CA SER A 127 23.15 1.36 21.78
C SER A 127 24.09 1.12 20.60
N TRP A 128 24.51 -0.13 20.40
CA TRP A 128 25.42 -0.54 19.30
C TRP A 128 24.81 -0.25 17.93
N TYR A 129 23.49 -0.45 17.82
CA TYR A 129 22.76 -0.24 16.57
C TYR A 129 22.47 1.23 16.27
N ILE A 130 22.20 2.02 17.33
CA ILE A 130 21.96 3.46 17.24
C ILE A 130 23.27 4.07 16.75
N ALA A 131 24.39 3.52 17.22
CA ALA A 131 25.72 3.99 16.85
C ALA A 131 26.13 3.63 15.43
N ALA A 132 25.58 2.53 14.90
CA ALA A 132 25.84 2.14 13.50
C ALA A 132 24.92 2.92 12.58
N LEU A 133 23.74 3.24 13.09
CA LEU A 133 22.71 3.99 12.36
C LEU A 133 23.07 5.48 12.20
N GLU A 134 23.73 6.05 13.22
CA GLU A 134 24.18 7.45 13.20
C GLU A 134 25.38 7.60 12.27
N PHE A 135 26.17 6.54 12.10
CA PHE A 135 27.34 6.58 11.22
C PHE A 135 26.92 6.54 9.74
N VAL A 136 25.88 5.78 9.40
CA VAL A 136 25.42 5.74 7.99
C VAL A 136 24.66 7.05 7.66
N ARG A 137 24.24 7.76 8.72
CA ARG A 137 23.53 9.03 8.59
C ARG A 137 24.54 10.16 8.35
N ASP A 138 25.59 10.18 9.18
CA ASP A 138 26.63 11.20 9.14
C ASP A 138 27.53 11.22 7.92
N ASN A 139 27.63 10.09 7.23
CA ASN A 139 28.46 10.00 6.04
C ASN A 139 27.99 9.12 4.87
N HIS A 140 26.72 9.28 4.49
CA HIS A 140 26.16 8.54 3.34
C HIS A 140 26.41 9.28 2.02
N GLY A 141 26.81 10.55 2.14
CA GLY A 141 27.13 11.39 1.00
C GLY A 141 25.97 11.91 0.18
N LEU A 142 24.76 11.64 0.67
CA LEU A 142 23.53 12.05 0.02
C LEU A 142 23.14 13.48 0.33
N THR A 143 22.42 14.10 -0.60
CA THR A 143 21.99 15.49 -0.48
C THR A 143 20.58 15.69 -1.05
N GLY A 144 19.99 16.85 -0.76
CA GLY A 144 18.65 17.21 -1.23
C GLY A 144 17.51 16.48 -0.58
N ASP A 145 16.41 16.31 -1.31
CA ASP A 145 15.23 15.58 -0.80
C ASP A 145 15.47 14.07 -0.64
N VAL A 146 16.56 13.58 -1.24
CA VAL A 146 16.96 12.18 -1.13
C VAL A 146 17.58 11.92 0.25
N ALA A 147 18.33 12.90 0.76
CA ALA A 147 18.94 12.81 2.08
C ALA A 147 17.85 13.02 3.12
N GLY A 148 16.84 13.81 2.75
CA GLY A 148 15.73 14.11 3.64
C GLY A 148 14.92 12.88 3.99
N GLU A 149 14.52 12.12 2.96
CA GLU A 149 13.75 10.89 3.12
C GLU A 149 14.56 9.81 3.87
N ALA A 150 15.85 9.70 3.51
CA ALA A 150 16.77 8.76 4.13
C ALA A 150 16.96 9.11 5.61
N ASN A 151 17.18 10.39 5.93
CA ASN A 151 17.34 10.84 7.33
C ASN A 151 16.05 10.75 8.15
N THR A 152 14.89 10.95 7.52
CA THR A 152 13.60 10.87 8.21
C THR A 152 13.44 9.45 8.80
N TYR A 153 13.68 8.44 7.95
CA TYR A 153 13.57 7.04 8.32
C TYR A 153 14.71 6.46 9.15
N ILE A 154 15.92 6.97 8.98
CA ILE A 154 17.10 6.56 9.77
C ILE A 154 16.88 7.09 11.20
N ASN A 155 16.27 8.28 11.28
CA ASN A 155 15.95 8.90 12.56
C ASN A 155 14.70 8.24 13.19
N TYR A 156 13.87 7.57 12.40
CA TYR A 156 12.72 6.87 12.96
C TYR A 156 13.20 5.56 13.62
N ALA A 157 14.17 4.90 12.99
CA ALA A 157 14.72 3.66 13.50
C ALA A 157 15.43 3.90 14.84
N ILE A 158 16.28 4.95 14.88
CA ILE A 158 17.03 5.37 16.07
C ILE A 158 16.07 5.66 17.23
N ASN A 159 14.98 6.37 16.90
CA ASN A 159 13.92 6.76 17.82
C ASN A 159 13.22 5.55 18.42
N ALA A 160 12.74 4.65 17.57
CA ALA A 160 12.03 3.44 17.97
C ALA A 160 12.88 2.51 18.83
N LEU A 161 14.20 2.49 18.60
CA LEU A 161 15.14 1.69 19.38
C LEU A 161 15.39 2.20 20.82
N SER A 162 14.89 3.39 21.14
CA SER A 162 15.07 3.98 22.49
C SER A 162 14.08 3.40 23.53
N MET B 1 -5.08 -4.35 3.40
CA MET B 1 -5.22 -5.08 2.11
C MET B 1 -3.96 -4.91 1.23
N LYS B 2 -3.91 -5.64 0.10
CA LYS B 2 -2.76 -5.62 -0.82
C LYS B 2 -2.78 -4.65 -1.99
N THR B 3 -1.59 -4.11 -2.31
CA THR B 3 -1.33 -3.17 -3.42
C THR B 3 -0.07 -3.73 -4.10
N PRO B 4 0.25 -3.34 -5.35
CA PRO B 4 1.48 -3.92 -5.92
C PRO B 4 2.80 -3.46 -5.24
N LEU B 5 2.71 -2.38 -4.45
CA LEU B 5 3.84 -1.84 -3.69
C LEU B 5 4.06 -2.68 -2.42
N THR B 6 2.96 -3.00 -1.75
CA THR B 6 2.90 -3.81 -0.54
C THR B 6 3.33 -5.25 -0.85
N GLU B 7 3.08 -5.70 -2.08
CA GLU B 7 3.43 -7.04 -2.56
C GLU B 7 4.93 -7.12 -2.88
N ALA B 8 5.45 -6.09 -3.54
CA ALA B 8 6.86 -5.99 -3.95
C ALA B 8 7.84 -5.85 -2.77
N ILE B 9 7.40 -5.16 -1.73
CA ILE B 9 8.20 -4.99 -0.50
C ILE B 9 8.12 -6.30 0.31
N ALA B 10 6.93 -6.91 0.34
CA ALA B 10 6.69 -8.16 1.06
C ALA B 10 7.55 -9.28 0.51
N ALA B 11 7.68 -9.34 -0.82
CA ALA B 11 8.49 -10.35 -1.53
C ALA B 11 9.99 -10.13 -1.35
N ALA B 12 10.44 -8.88 -1.50
CA ALA B 12 11.86 -8.54 -1.31
C ALA B 12 12.31 -8.69 0.15
N ASP B 13 11.36 -8.55 1.09
CA ASP B 13 11.64 -8.72 2.52
C ASP B 13 11.75 -10.21 2.84
N LEU B 14 10.90 -11.02 2.20
CA LEU B 14 10.94 -12.46 2.43
C LEU B 14 12.27 -13.12 2.04
N ARG B 15 12.95 -12.60 1.03
CA ARG B 15 14.24 -13.18 0.66
C ARG B 15 15.43 -12.33 1.13
N GLY B 16 15.15 -11.41 2.04
CA GLY B 16 16.12 -10.51 2.67
C GLY B 16 17.06 -9.73 1.76
N SER B 17 16.50 -9.13 0.72
CA SER B 17 17.30 -8.37 -0.23
C SER B 17 16.59 -7.10 -0.59
N TYR B 18 17.34 -6.19 -1.18
CA TYR B 18 16.85 -4.90 -1.64
C TYR B 18 16.06 -5.11 -2.92
N LEU B 19 15.22 -4.14 -3.25
CA LEU B 19 14.45 -4.18 -4.49
C LEU B 19 15.47 -3.89 -5.58
N SER B 20 15.49 -4.73 -6.61
CA SER B 20 16.41 -4.52 -7.72
C SER B 20 15.87 -3.44 -8.65
N ASN B 21 16.75 -2.89 -9.49
CA ASN B 21 16.39 -1.85 -10.46
C ASN B 21 15.18 -2.22 -11.32
N THR B 22 15.04 -3.50 -11.69
CA THR B 22 13.91 -3.94 -12.51
C THR B 22 12.58 -3.98 -11.73
N GLU B 23 12.66 -4.22 -10.43
CA GLU B 23 11.46 -4.20 -9.58
C GLU B 23 11.11 -2.76 -9.32
N LEU B 24 12.16 -1.93 -9.22
CA LEU B 24 12.07 -0.49 -8.98
C LEU B 24 11.67 0.29 -10.25
N GLN B 25 11.73 -0.36 -11.42
CA GLN B 25 11.33 0.25 -12.70
C GLN B 25 9.84 0.09 -12.96
N ALA B 26 9.26 -0.97 -12.39
CA ALA B 26 7.84 -1.25 -12.52
C ALA B 26 7.03 -0.38 -11.55
N VAL B 27 7.73 0.30 -10.63
CA VAL B 27 7.14 1.21 -9.65
C VAL B 27 7.21 2.63 -10.24
N PHE B 28 8.24 2.86 -11.06
CA PHE B 28 8.51 4.14 -11.75
C PHE B 28 7.51 4.30 -12.91
N GLY B 29 7.26 3.19 -13.61
CA GLY B 29 6.36 3.16 -14.76
C GLY B 29 4.86 3.12 -14.51
N ARG B 30 4.45 2.74 -13.29
CA ARG B 30 3.02 2.68 -12.95
C ARG B 30 2.51 4.03 -12.40
N PHE B 31 3.37 5.05 -12.46
CA PHE B 31 3.07 6.42 -12.01
C PHE B 31 2.43 7.24 -13.13
N ASN B 32 2.32 6.63 -14.31
CA ASN B 32 1.70 7.24 -15.49
C ASN B 32 0.22 6.91 -15.42
N ARG B 33 -0.07 5.67 -15.00
CA ARG B 33 -1.42 5.14 -14.83
C ARG B 33 -2.05 5.64 -13.53
N ALA B 34 -1.22 5.80 -12.50
CA ALA B 34 -1.66 6.29 -11.18
C ALA B 34 -2.00 7.79 -11.21
N ARG B 35 -1.51 8.47 -12.24
CA ARG B 35 -1.80 9.88 -12.45
C ARG B 35 -3.17 9.92 -13.12
N ALA B 36 -3.40 8.95 -14.01
CA ALA B 36 -4.65 8.77 -14.75
C ALA B 36 -5.74 8.27 -13.80
N GLY B 37 -5.33 7.38 -12.87
CA GLY B 37 -6.23 6.82 -11.88
C GLY B 37 -6.71 7.82 -10.83
N LEU B 38 -6.02 8.95 -10.74
CA LEU B 38 -6.38 10.00 -9.81
C LEU B 38 -7.40 10.94 -10.46
N GLU B 39 -7.48 10.95 -11.80
CA GLU B 39 -8.46 11.78 -12.50
C GLU B 39 -9.78 11.01 -12.53
N ALA B 40 -9.67 9.68 -12.57
CA ALA B 40 -10.80 8.74 -12.58
C ALA B 40 -11.42 8.68 -11.19
N ALA B 41 -10.58 8.82 -10.16
CA ALA B 41 -11.02 8.82 -8.75
C ALA B 41 -11.81 10.09 -8.48
N ARG B 42 -11.39 11.18 -9.14
CA ARG B 42 -12.03 12.50 -9.02
C ARG B 42 -13.25 12.63 -9.95
N ALA B 43 -13.38 11.71 -10.90
CA ALA B 43 -14.51 11.69 -11.85
C ALA B 43 -15.67 10.90 -11.26
N PHE B 44 -15.31 9.79 -10.58
CA PHE B 44 -16.25 8.89 -9.92
C PHE B 44 -16.90 9.61 -8.71
N ALA B 45 -16.09 10.39 -7.98
CA ALA B 45 -16.52 11.17 -6.82
C ALA B 45 -17.43 12.33 -7.21
N ASN B 46 -17.31 12.76 -8.46
CA ASN B 46 -18.08 13.86 -9.01
C ASN B 46 -19.46 13.46 -9.50
N ASN B 47 -19.54 12.41 -10.32
CA ASN B 47 -20.83 11.96 -10.89
C ASN B 47 -21.39 10.61 -10.39
N GLY B 48 -20.72 10.01 -9.42
CA GLY B 48 -21.12 8.71 -8.86
C GLY B 48 -22.55 8.48 -8.42
N LYS B 49 -23.15 9.49 -7.78
CA LYS B 49 -24.53 9.43 -7.30
C LYS B 49 -25.45 9.34 -8.51
N LYS B 50 -25.35 10.31 -9.40
CA LYS B 50 -26.19 10.37 -10.61
C LYS B 50 -25.99 9.18 -11.54
N TRP B 51 -24.78 8.61 -11.58
CA TRP B 51 -24.50 7.44 -12.42
C TRP B 51 -25.17 6.22 -11.81
N ALA B 52 -25.09 6.11 -10.49
CA ALA B 52 -25.69 5.02 -9.74
C ALA B 52 -27.22 5.00 -9.84
N GLU B 53 -27.84 6.18 -9.79
CA GLU B 53 -29.28 6.32 -9.88
C GLU B 53 -29.80 6.05 -11.29
N ALA B 54 -29.03 6.47 -12.30
CA ALA B 54 -29.36 6.24 -13.71
C ALA B 54 -29.16 4.75 -14.03
N ALA B 55 -28.15 4.13 -13.40
CA ALA B 55 -27.83 2.71 -13.57
C ALA B 55 -28.92 1.82 -12.98
N ALA B 56 -29.51 2.30 -11.87
CA ALA B 56 -30.60 1.61 -11.16
C ALA B 56 -31.83 1.54 -12.07
N ASN B 57 -32.14 2.66 -12.73
CA ASN B 57 -33.28 2.77 -13.66
C ASN B 57 -33.24 1.78 -14.82
N HIS B 58 -32.06 1.60 -15.39
CA HIS B 58 -31.86 0.67 -16.50
C HIS B 58 -32.19 -0.75 -16.07
N VAL B 59 -31.70 -1.14 -14.88
CA VAL B 59 -31.92 -2.48 -14.31
C VAL B 59 -33.42 -2.74 -14.13
N TYR B 60 -34.14 -1.73 -13.61
CA TYR B 60 -35.58 -1.82 -13.38
C TYR B 60 -36.34 -2.04 -14.70
N GLN B 61 -35.89 -1.39 -15.78
CA GLN B 61 -36.48 -1.53 -17.12
C GLN B 61 -36.11 -2.84 -17.82
N LYS B 62 -34.88 -3.31 -17.58
CA LYS B 62 -34.35 -4.53 -18.17
C LYS B 62 -34.95 -5.77 -17.49
N PHE B 63 -35.15 -5.66 -16.18
CA PHE B 63 -35.72 -6.74 -15.36
C PHE B 63 -36.95 -6.15 -14.62
N PRO B 64 -38.11 -6.02 -15.31
CA PRO B 64 -39.32 -5.46 -14.68
C PRO B 64 -39.89 -6.17 -13.45
N TYR B 65 -39.56 -7.46 -13.29
CA TYR B 65 -40.02 -8.27 -12.14
C TYR B 65 -39.49 -7.79 -10.79
N THR B 66 -38.29 -7.22 -10.79
CA THR B 66 -37.63 -6.70 -9.59
C THR B 66 -38.45 -5.61 -8.84
N THR B 67 -39.16 -4.78 -9.61
CA THR B 67 -39.99 -3.70 -9.08
C THR B 67 -41.42 -4.09 -8.65
N GLN B 68 -41.88 -5.24 -9.13
CA GLN B 68 -43.24 -5.69 -8.80
C GLN B 68 -43.39 -6.98 -7.94
N MET B 69 -42.44 -7.90 -8.04
CA MET B 69 -42.49 -9.17 -7.30
C MET B 69 -42.26 -9.09 -5.79
N GLN B 70 -42.50 -10.22 -5.11
CA GLN B 70 -42.37 -10.45 -3.66
C GLN B 70 -41.92 -9.33 -2.73
N GLY B 71 -40.69 -9.42 -2.23
CA GLY B 71 -40.17 -8.38 -1.36
C GLY B 71 -38.91 -8.56 -0.51
N PRO B 72 -38.39 -9.80 -0.23
CA PRO B 72 -37.17 -9.86 0.59
C PRO B 72 -35.88 -9.38 -0.10
N GLN B 73 -35.65 -9.83 -1.34
CA GLN B 73 -34.48 -9.39 -2.08
C GLN B 73 -34.83 -8.41 -3.21
N TYR B 74 -36.13 -8.22 -3.44
CA TYR B 74 -36.66 -7.35 -4.51
C TYR B 74 -36.99 -5.91 -4.15
N ALA B 75 -36.69 -5.02 -5.11
CA ALA B 75 -36.94 -3.57 -4.99
C ALA B 75 -38.38 -3.18 -5.33
N SER B 76 -39.32 -3.82 -4.64
CA SER B 76 -40.77 -3.58 -4.83
C SER B 76 -41.26 -2.30 -4.18
N THR B 77 -40.48 -1.82 -3.21
CA THR B 77 -40.76 -0.62 -2.42
C THR B 77 -39.83 0.56 -2.78
N PRO B 78 -40.19 1.81 -2.39
CA PRO B 78 -39.29 2.93 -2.70
C PRO B 78 -38.03 2.91 -1.79
N GLU B 79 -38.09 2.11 -0.72
CA GLU B 79 -37.00 1.94 0.23
C GLU B 79 -36.02 0.92 -0.36
N GLY B 80 -36.58 -0.12 -0.97
CA GLY B 80 -35.80 -1.19 -1.60
C GLY B 80 -35.04 -0.68 -2.82
N LYS B 81 -35.62 0.32 -3.47
CA LYS B 81 -35.05 0.99 -4.64
C LYS B 81 -33.87 1.89 -4.25
N ALA B 82 -33.98 2.49 -3.06
CA ALA B 82 -32.93 3.37 -2.52
C ALA B 82 -31.69 2.53 -2.21
N LYS B 83 -31.94 1.33 -1.68
CA LYS B 83 -30.91 0.35 -1.34
C LYS B 83 -30.14 -0.14 -2.59
N CYS B 84 -30.84 -0.18 -3.74
CA CYS B 84 -30.24 -0.59 -5.02
C CYS B 84 -29.24 0.44 -5.48
N VAL B 85 -29.59 1.74 -5.39
CA VAL B 85 -28.64 2.80 -5.79
C VAL B 85 -27.42 2.84 -4.85
N ARG B 86 -27.62 2.50 -3.56
CA ARG B 86 -26.53 2.46 -2.56
C ARG B 86 -25.57 1.30 -2.82
N ASP B 87 -26.12 0.16 -3.26
CA ASP B 87 -25.38 -1.06 -3.59
C ASP B 87 -24.51 -0.80 -4.82
N ILE B 88 -25.09 -0.07 -5.78
CA ILE B 88 -24.42 0.29 -7.01
C ILE B 88 -23.35 1.37 -6.79
N ASP B 89 -23.66 2.34 -5.90
CA ASP B 89 -22.73 3.42 -5.54
C ASP B 89 -21.52 2.82 -4.84
N HIS B 90 -21.74 1.73 -4.11
CA HIS B 90 -20.67 1.01 -3.41
C HIS B 90 -19.67 0.37 -4.39
N TYR B 91 -20.14 -0.12 -5.54
CA TYR B 91 -19.24 -0.72 -6.52
C TYR B 91 -18.39 0.37 -7.12
N LEU B 92 -19.04 1.49 -7.42
CA LEU B 92 -18.38 2.66 -7.98
C LEU B 92 -17.33 3.26 -7.01
N ARG B 93 -17.56 3.16 -5.69
CA ARG B 93 -16.63 3.64 -4.65
C ARG B 93 -15.40 2.73 -4.59
N THR B 94 -15.63 1.40 -4.66
CA THR B 94 -14.57 0.38 -4.60
C THR B 94 -13.68 0.37 -5.85
N ILE B 95 -14.28 0.71 -6.99
CA ILE B 95 -13.61 0.81 -8.29
C ILE B 95 -12.71 2.04 -8.29
N SER B 96 -13.16 3.09 -7.59
CA SER B 96 -12.38 4.32 -7.50
C SER B 96 -11.11 4.09 -6.66
N TYR B 97 -11.25 3.27 -5.61
CA TYR B 97 -10.13 2.91 -4.72
C TYR B 97 -9.05 2.10 -5.45
N CYS B 98 -9.48 1.21 -6.36
CA CYS B 98 -8.61 0.37 -7.20
C CYS B 98 -7.79 1.21 -8.19
N CYS B 99 -8.40 2.32 -8.63
CA CYS B 99 -7.77 3.27 -9.54
C CYS B 99 -6.66 4.09 -8.86
N VAL B 100 -6.85 4.40 -7.57
CA VAL B 100 -5.88 5.17 -6.76
C VAL B 100 -4.68 4.26 -6.38
N VAL B 101 -4.97 2.99 -6.18
CA VAL B 101 -3.97 1.98 -5.80
C VAL B 101 -3.13 1.35 -6.94
N GLY B 102 -3.75 1.18 -8.12
CA GLY B 102 -3.10 0.59 -9.28
C GLY B 102 -3.08 -0.93 -9.20
N GLY B 103 -4.14 -1.47 -8.61
CA GLY B 103 -4.29 -2.91 -8.43
C GLY B 103 -5.74 -3.25 -8.12
N THR B 104 -6.01 -4.54 -8.08
CA THR B 104 -7.35 -5.05 -7.85
C THR B 104 -7.73 -5.31 -6.39
N GLY B 105 -6.75 -5.15 -5.47
CA GLY B 105 -6.93 -5.36 -4.04
C GLY B 105 -8.25 -4.99 -3.37
N PRO B 106 -8.78 -3.76 -3.53
CA PRO B 106 -10.05 -3.34 -2.92
C PRO B 106 -11.29 -4.14 -3.34
N LEU B 107 -11.26 -4.64 -4.58
CA LEU B 107 -12.35 -5.46 -5.16
C LEU B 107 -12.21 -6.91 -4.76
N ASP B 108 -10.95 -7.37 -4.68
CA ASP B 108 -10.61 -8.74 -4.30
C ASP B 108 -11.13 -9.04 -2.91
N ASP B 109 -11.12 -8.02 -2.07
CA ASP B 109 -11.58 -8.13 -0.69
C ASP B 109 -13.06 -7.85 -0.47
N TYR B 110 -13.71 -7.20 -1.43
CA TYR B 110 -15.14 -6.90 -1.36
C TYR B 110 -15.98 -7.98 -2.08
N VAL B 111 -15.58 -8.36 -3.29
CA VAL B 111 -16.32 -9.35 -4.07
C VAL B 111 -15.84 -10.80 -3.89
N VAL B 112 -14.58 -11.08 -4.20
CA VAL B 112 -14.04 -12.45 -4.10
C VAL B 112 -13.99 -12.98 -2.66
N ALA B 113 -13.34 -12.24 -1.76
CA ALA B 113 -13.26 -12.62 -0.35
C ALA B 113 -14.40 -11.95 0.45
N GLY B 114 -15.51 -11.71 -0.25
CA GLY B 114 -16.65 -11.06 0.37
C GLY B 114 -18.01 -11.51 -0.14
N LEU B 115 -18.48 -10.86 -1.20
CA LEU B 115 -19.80 -11.09 -1.82
C LEU B 115 -20.14 -12.48 -2.34
N LYS B 116 -19.17 -13.15 -2.94
CA LYS B 116 -19.33 -14.50 -3.49
C LYS B 116 -19.41 -15.58 -2.42
N GLU B 117 -19.17 -15.17 -1.17
CA GLU B 117 -19.18 -16.07 -0.02
C GLU B 117 -20.53 -16.15 0.73
N PHE B 118 -21.10 -15.00 1.07
CA PHE B 118 -22.37 -14.95 1.82
C PHE B 118 -23.68 -14.80 1.04
N ASN B 119 -23.59 -14.61 -0.28
CA ASN B 119 -24.78 -14.45 -1.15
C ASN B 119 -25.63 -15.73 -1.28
N SER B 120 -25.14 -16.81 -0.67
CA SER B 120 -25.82 -18.10 -0.60
C SER B 120 -26.90 -18.00 0.49
N ALA B 121 -26.64 -17.11 1.46
CA ALA B 121 -27.53 -16.85 2.58
C ALA B 121 -28.25 -15.49 2.43
N LEU B 122 -28.47 -15.09 1.16
CA LEU B 122 -29.16 -13.83 0.80
C LEU B 122 -29.98 -13.99 -0.49
N GLY B 123 -29.37 -14.61 -1.50
CA GLY B 123 -30.04 -14.86 -2.77
C GLY B 123 -30.30 -13.77 -3.80
N LEU B 124 -29.43 -12.76 -3.89
CA LEU B 124 -29.58 -11.70 -4.89
C LEU B 124 -28.89 -12.21 -6.16
N SER B 125 -29.35 -11.75 -7.31
CA SER B 125 -28.79 -12.20 -8.59
C SER B 125 -27.63 -11.34 -9.09
N PRO B 126 -26.48 -11.97 -9.45
CA PRO B 126 -25.30 -11.26 -9.97
C PRO B 126 -25.58 -10.48 -11.26
N SER B 127 -26.53 -10.96 -12.07
CA SER B 127 -26.92 -10.35 -13.36
C SER B 127 -27.45 -8.94 -13.21
N TRP B 128 -28.06 -8.67 -12.05
CA TRP B 128 -28.62 -7.36 -11.74
C TRP B 128 -27.50 -6.36 -11.62
N TYR B 129 -26.37 -6.83 -11.07
CA TYR B 129 -25.20 -6.01 -10.85
C TYR B 129 -24.20 -5.98 -12.02
N ILE B 130 -24.31 -6.95 -12.94
CA ILE B 130 -23.46 -6.97 -14.12
C ILE B 130 -24.06 -5.96 -15.11
N ALA B 131 -25.39 -5.91 -15.18
CA ALA B 131 -26.09 -4.97 -16.06
C ALA B 131 -25.88 -3.53 -15.61
N ALA B 132 -25.85 -3.33 -14.29
CA ALA B 132 -25.61 -2.00 -13.69
C ALA B 132 -24.23 -1.47 -14.04
N LEU B 133 -23.24 -2.37 -13.97
CA LEU B 133 -21.85 -2.08 -14.26
C LEU B 133 -21.57 -1.90 -15.76
N GLU B 134 -22.32 -2.61 -16.61
CA GLU B 134 -22.20 -2.52 -18.06
C GLU B 134 -22.81 -1.18 -18.48
N PHE B 135 -23.83 -0.73 -17.73
CA PHE B 135 -24.46 0.56 -18.04
C PHE B 135 -23.53 1.72 -17.70
N VAL B 136 -22.83 1.63 -16.56
CA VAL B 136 -21.91 2.69 -16.17
C VAL B 136 -20.61 2.67 -17.00
N ARG B 137 -20.35 1.54 -17.67
CA ARG B 137 -19.17 1.38 -18.51
C ARG B 137 -19.38 2.08 -19.84
N ASP B 138 -20.58 1.88 -20.41
CA ASP B 138 -20.97 2.45 -21.70
C ASP B 138 -21.64 3.83 -21.63
N ASN B 139 -21.71 4.44 -20.44
CA ASN B 139 -22.35 5.75 -20.26
C ASN B 139 -21.61 6.74 -19.33
N HIS B 140 -20.31 6.54 -19.11
CA HIS B 140 -19.55 7.46 -18.26
C HIS B 140 -18.94 8.66 -19.00
N GLY B 141 -18.62 8.46 -20.29
CA GLY B 141 -18.07 9.51 -21.14
C GLY B 141 -16.64 9.97 -20.89
N LEU B 142 -15.79 9.06 -20.39
CA LEU B 142 -14.38 9.34 -20.08
C LEU B 142 -13.43 9.27 -21.29
N THR B 143 -12.33 10.04 -21.22
CA THR B 143 -11.32 10.18 -22.29
C THR B 143 -10.53 8.95 -22.78
N GLY B 144 -9.22 8.91 -22.56
CA GLY B 144 -8.40 7.79 -23.03
C GLY B 144 -7.69 6.98 -21.97
N ASP B 145 -6.77 7.63 -21.27
CA ASP B 145 -5.97 7.01 -20.19
C ASP B 145 -6.84 6.87 -18.94
N VAL B 146 -7.74 7.84 -18.77
CA VAL B 146 -8.70 7.91 -17.65
C VAL B 146 -9.71 6.77 -17.84
N ALA B 147 -10.17 6.61 -19.09
CA ALA B 147 -11.12 5.57 -19.49
C ALA B 147 -10.50 4.20 -19.32
N GLY B 148 -9.20 4.11 -19.62
CA GLY B 148 -8.44 2.87 -19.49
C GLY B 148 -8.53 2.23 -18.12
N GLU B 149 -8.29 3.04 -17.08
CA GLU B 149 -8.34 2.58 -15.69
C GLU B 149 -9.74 2.21 -15.21
N ALA B 150 -10.69 3.13 -15.45
CA ALA B 150 -12.10 2.93 -15.09
C ALA B 150 -12.63 1.65 -15.73
N ASN B 151 -12.36 1.46 -17.03
CA ASN B 151 -12.78 0.26 -17.75
C ASN B 151 -12.03 -1.02 -17.36
N THR B 152 -10.82 -0.89 -16.81
CA THR B 152 -10.06 -2.08 -16.37
C THR B 152 -10.72 -2.66 -15.11
N TYR B 153 -11.02 -1.79 -14.14
CA TYR B 153 -11.62 -2.22 -12.87
C TYR B 153 -13.11 -2.52 -12.91
N ILE B 154 -13.86 -1.83 -13.79
CA ILE B 154 -15.29 -2.09 -14.00
C ILE B 154 -15.39 -3.50 -14.58
N ASN B 155 -14.50 -3.81 -15.52
CA ASN B 155 -14.44 -5.13 -16.17
C ASN B 155 -13.88 -6.21 -15.24
N TYR B 156 -13.05 -5.83 -14.28
CA TYR B 156 -12.54 -6.83 -13.34
C TYR B 156 -13.67 -7.23 -12.38
N ALA B 157 -14.46 -6.25 -11.96
CA ALA B 157 -15.59 -6.46 -11.05
C ALA B 157 -16.67 -7.30 -11.72
N ILE B 158 -16.98 -7.01 -12.99
CA ILE B 158 -17.98 -7.74 -13.80
C ILE B 158 -17.60 -9.22 -13.83
N ASN B 159 -16.33 -9.50 -14.08
CA ASN B 159 -15.81 -10.87 -14.17
C ASN B 159 -15.63 -11.57 -12.83
N ALA B 160 -15.53 -10.79 -11.74
CA ALA B 160 -15.37 -11.32 -10.38
C ALA B 160 -16.72 -11.86 -9.92
N LEU B 161 -17.78 -11.25 -10.44
CA LEU B 161 -19.17 -11.63 -10.20
C LEU B 161 -19.59 -12.82 -11.12
N SER B 162 -18.66 -13.29 -11.96
CA SER B 162 -18.89 -14.43 -12.85
C SER B 162 -18.33 -15.71 -12.21
#